data_6AQE
#
_entry.id   6AQE
#
_cell.length_a   88.376
_cell.length_b   88.376
_cell.length_c   190.016
_cell.angle_alpha   90.00
_cell.angle_beta   90.00
_cell.angle_gamma   90.00
#
_symmetry.space_group_name_H-M   'P 41 2 2'
#
loop_
_entity.id
_entity.type
_entity.pdbx_description
1 polymer 'molecule A'
2 non-polymer "ADENOSINE-5'-TRIPHOSPHATE"
3 non-polymer 'MAGNESIUM ION'
4 non-polymer GLYCEROL
5 non-polymer (4S)-2-METHYL-2,4-PENTANEDIOL
6 non-polymer 'CHLORIDE ION'
7 water water
#
_entity_poly.entity_id   1
_entity_poly.type   'polypeptide(L)'
_entity_poly.pdbx_seq_one_letter_code
;MDIDNYRVKPGKRVKLSDWATNDDAGLSKEEGQAQTAKLAGELAEWQERLYAEGKQSLLLILQARDAAGKDGAVKKVIGA
FNPAGVQITSFKQPSAEELSHDFLWRIHQKAPAKGYVGVFNRSQYEDVLVTRVYDMIDDKTAKRRLEHIRHFEELLTDNA
TRIVKVYLHISPEEQKERLQARLDNPGKHWKFNPGDLKDRSNWDKFNDVYEDALTTSTDDAPWYVVPADRKWYRDLVLSH
ILLGALKDMNPQFPAIDYDPSKVVIH
;
_entity_poly.pdbx_strand_id   A,B
#
loop_
_chem_comp.id
_chem_comp.type
_chem_comp.name
_chem_comp.formula
ATP non-polymer ADENOSINE-5'-TRIPHOSPHATE 'C10 H16 N5 O13 P3'
CL non-polymer 'CHLORIDE ION' 'Cl -1'
GOL non-polymer GLYCEROL 'C3 H8 O3'
MG non-polymer 'MAGNESIUM ION' 'Mg 2'
MPD non-polymer (4S)-2-METHYL-2,4-PENTANEDIOL 'C6 H14 O2'
#
# COMPACT_ATOMS: atom_id res chain seq x y z
N ASP A 2 4.87 18.45 23.86
CA ASP A 2 3.60 17.73 24.09
C ASP A 2 3.65 16.33 23.47
N ILE A 3 3.70 16.21 22.13
CA ILE A 3 4.02 14.92 21.52
C ILE A 3 5.39 14.44 22.00
N ASP A 4 6.29 15.38 22.30
CA ASP A 4 7.64 15.01 22.72
C ASP A 4 7.66 14.29 24.04
N ASN A 5 6.58 14.40 24.84
CA ASN A 5 6.47 13.62 26.07
C ASN A 5 6.47 12.13 25.79
N TYR A 6 6.12 11.72 24.56
CA TYR A 6 6.12 10.31 24.20
C TYR A 6 7.45 9.83 23.62
N ARG A 7 8.36 10.75 23.39
CA ARG A 7 9.66 10.39 22.85
C ARG A 7 10.55 9.85 23.97
N VAL A 8 11.12 8.69 23.72
CA VAL A 8 12.10 8.13 24.64
C VAL A 8 13.39 8.91 24.49
N LYS A 9 13.81 9.61 25.58
CA LYS A 9 14.98 10.48 25.46
C LYS A 9 16.28 9.66 25.44
N PRO A 10 17.28 10.12 24.73
CA PRO A 10 18.52 9.35 24.61
C PRO A 10 19.21 9.15 25.94
N GLY A 11 19.82 7.98 26.07
CA GLY A 11 20.82 7.78 27.09
C GLY A 11 20.32 7.42 28.47
N LYS A 12 19.02 7.16 28.62
CA LYS A 12 18.42 6.77 29.90
C LYS A 12 17.42 5.64 29.65
N ARG A 13 17.48 4.60 30.47
N ARG A 13 17.48 4.60 30.46
CA ARG A 13 16.50 3.53 30.35
CA ARG A 13 16.50 3.52 30.35
C ARG A 13 15.17 3.99 30.89
C ARG A 13 15.17 4.00 30.89
N VAL A 14 14.10 3.37 30.40
CA VAL A 14 12.74 3.73 30.80
C VAL A 14 11.96 2.47 31.14
N LYS A 15 10.80 2.66 31.75
CA LYS A 15 9.90 1.57 32.05
C LYS A 15 8.64 1.85 31.27
N LEU A 16 8.00 0.79 30.78
CA LEU A 16 6.79 1.05 30.00
C LEU A 16 5.75 1.71 30.88
N SER A 17 5.78 1.40 32.15
CA SER A 17 4.76 2.00 33.04
C SER A 17 5.00 3.48 33.32
N ASP A 18 6.08 4.06 32.78
CA ASP A 18 6.24 5.50 32.88
C ASP A 18 5.15 6.25 32.10
N TRP A 19 4.47 5.55 31.19
CA TRP A 19 3.43 6.15 30.37
C TRP A 19 2.10 5.44 30.60
N ALA A 20 1.03 6.21 30.62
CA ALA A 20 -0.30 5.60 30.66
C ALA A 20 -0.64 5.00 29.29
N THR A 21 -1.56 4.01 29.28
CA THR A 21 -1.88 3.38 28.02
C THR A 21 -3.12 4.02 27.38
N ASN A 22 -3.76 4.95 28.05
CA ASN A 22 -5.09 5.40 27.62
C ASN A 22 -5.20 6.94 27.63
N ASP A 23 -4.11 7.65 27.29
CA ASP A 23 -4.19 9.11 27.18
C ASP A 23 -5.21 9.53 26.11
N ASP A 24 -5.77 10.73 26.31
CA ASP A 24 -6.54 11.37 25.23
C ASP A 24 -6.20 12.85 25.05
N ALA A 25 -5.20 13.36 25.79
CA ALA A 25 -4.79 14.76 25.75
C ALA A 25 -5.95 15.71 26.01
N GLY A 26 -6.99 15.26 26.71
CA GLY A 26 -8.10 16.14 27.04
C GLY A 26 -9.05 16.33 25.88
N LEU A 27 -8.86 15.61 24.80
CA LEU A 27 -9.71 15.76 23.62
C LEU A 27 -10.87 14.79 23.67
N SER A 28 -12.01 15.19 23.08
CA SER A 28 -13.06 14.24 22.77
C SER A 28 -12.64 13.37 21.60
N LYS A 29 -13.26 12.19 21.51
CA LYS A 29 -13.00 11.35 20.35
C LYS A 29 -13.31 12.13 19.07
N GLU A 30 -14.42 12.88 19.08
CA GLU A 30 -14.81 13.61 17.89
C GLU A 30 -13.77 14.65 17.51
N GLU A 31 -13.28 15.40 18.48
CA GLU A 31 -12.21 16.39 18.23
CA GLU A 31 -12.25 16.39 18.14
C GLU A 31 -10.96 15.70 17.69
N GLY A 32 -10.59 14.58 18.33
CA GLY A 32 -9.39 13.87 17.89
C GLY A 32 -9.49 13.36 16.45
N GLN A 33 -10.64 12.79 16.10
CA GLN A 33 -10.85 12.29 14.74
C GLN A 33 -10.88 13.42 13.72
N ALA A 34 -11.47 14.57 14.09
CA ALA A 34 -11.42 15.73 13.22
C ALA A 34 -9.98 16.16 12.97
N GLN A 35 -9.19 16.21 14.04
CA GLN A 35 -7.82 16.64 13.89
C GLN A 35 -7.05 15.64 13.04
N THR A 36 -7.31 14.35 13.24
CA THR A 36 -6.64 13.33 12.45
C THR A 36 -6.95 13.50 10.97
N ALA A 37 -8.21 13.79 10.63
CA ALA A 37 -8.62 14.01 9.23
C ALA A 37 -7.92 15.23 8.64
N LYS A 38 -7.79 16.30 9.43
CA LYS A 38 -7.07 17.47 8.94
C LYS A 38 -5.59 17.16 8.74
N LEU A 39 -4.97 16.44 9.70
CA LEU A 39 -3.57 16.02 9.54
C LEU A 39 -3.36 15.15 8.30
N ALA A 40 -4.36 14.34 7.95
CA ALA A 40 -4.25 13.45 6.81
C ALA A 40 -3.97 14.25 5.54
N GLY A 41 -4.66 15.38 5.37
CA GLY A 41 -4.45 16.21 4.20
C GLY A 41 -3.04 16.77 4.18
N GLU A 42 -2.52 17.17 5.35
CA GLU A 42 -1.15 17.66 5.42
C GLU A 42 -0.14 16.55 5.17
N LEU A 43 -0.38 15.37 5.73
CA LEU A 43 0.50 14.23 5.48
C LEU A 43 0.58 13.95 3.99
N ALA A 44 -0.56 14.01 3.29
CA ALA A 44 -0.56 13.77 1.85
C ALA A 44 0.25 14.83 1.11
N GLU A 45 0.12 16.11 1.49
CA GLU A 45 0.86 17.12 0.74
C GLU A 45 2.36 16.96 1.00
N TRP A 46 2.74 16.67 2.22
CA TRP A 46 4.17 16.57 2.52
C TRP A 46 4.81 15.33 1.93
N GLN A 47 4.05 14.22 1.90
CA GLN A 47 4.55 13.03 1.25
C GLN A 47 4.66 13.21 -0.26
N GLU A 48 3.75 13.97 -0.89
CA GLU A 48 3.93 14.26 -2.30
C GLU A 48 5.23 15.03 -2.52
N ARG A 49 5.55 15.96 -1.61
CA ARG A 49 6.80 16.71 -1.76
C ARG A 49 8.01 15.80 -1.57
N LEU A 50 7.91 14.91 -0.60
CA LEU A 50 8.97 13.90 -0.40
C LEU A 50 9.27 13.13 -1.66
N TYR A 51 8.23 12.64 -2.33
CA TYR A 51 8.40 11.87 -3.55
C TYR A 51 8.92 12.73 -4.71
N ALA A 52 8.29 13.88 -4.95
CA ALA A 52 8.73 14.78 -6.01
C ALA A 52 10.22 15.16 -5.86
N GLU A 53 10.65 15.40 -4.63
CA GLU A 53 12.03 15.79 -4.38
C GLU A 53 12.99 14.66 -4.68
N GLY A 54 12.66 13.45 -4.21
CA GLY A 54 13.47 12.27 -4.49
C GLY A 54 14.87 12.28 -3.92
N LYS A 55 15.05 12.94 -2.78
CA LYS A 55 16.34 13.02 -2.10
C LYS A 55 16.37 12.36 -0.76
N GLN A 56 15.21 12.10 -0.13
CA GLN A 56 15.12 11.66 1.24
C GLN A 56 14.06 10.57 1.31
N SER A 57 14.03 9.86 2.43
CA SER A 57 12.98 8.85 2.64
C SER A 57 12.62 8.85 4.12
N LEU A 58 11.49 8.20 4.44
CA LEU A 58 10.99 8.11 5.81
C LEU A 58 10.75 6.65 6.11
N LEU A 59 11.23 6.16 7.26
CA LEU A 59 11.01 4.78 7.67
C LEU A 59 10.33 4.80 9.02
N LEU A 60 9.07 4.35 9.05
CA LEU A 60 8.31 4.14 10.28
C LEU A 60 8.41 2.67 10.64
N ILE A 61 8.83 2.40 11.88
CA ILE A 61 8.89 1.04 12.41
C ILE A 61 7.81 0.97 13.47
N LEU A 62 6.88 0.01 13.31
CA LEU A 62 5.83 -0.27 14.28
C LEU A 62 6.16 -1.58 14.98
N GLN A 63 6.34 -1.52 16.28
CA GLN A 63 6.64 -2.76 16.96
C GLN A 63 5.76 -2.78 18.20
N ALA A 64 4.97 -3.84 18.41
CA ALA A 64 3.97 -3.83 19.46
C ALA A 64 3.43 -5.24 19.61
N ARG A 65 2.82 -5.51 20.75
CA ARG A 65 2.26 -6.84 20.97
C ARG A 65 0.97 -7.05 20.19
N ASP A 66 0.52 -8.30 20.19
CA ASP A 66 -0.67 -8.65 19.41
C ASP A 66 -1.88 -7.86 19.93
N ALA A 67 -2.70 -7.42 19.00
CA ALA A 67 -3.90 -6.62 19.21
C ALA A 67 -3.59 -5.20 19.65
N ALA A 68 -2.33 -4.74 19.53
CA ALA A 68 -2.04 -3.40 20.01
C ALA A 68 -2.34 -2.34 18.97
N GLY A 69 -2.67 -2.74 17.75
CA GLY A 69 -3.11 -1.78 16.75
C GLY A 69 -2.13 -1.47 15.61
N LYS A 70 -1.18 -2.35 15.34
CA LYS A 70 -0.24 -2.11 14.22
C LYS A 70 -1.01 -2.04 12.90
N ASP A 71 -1.83 -3.06 12.65
CA ASP A 71 -2.66 -3.13 11.44
C ASP A 71 -3.56 -1.88 11.32
N GLY A 72 -4.27 -1.51 12.41
CA GLY A 72 -5.19 -0.38 12.32
C GLY A 72 -4.45 0.92 12.04
N ALA A 73 -3.29 1.09 12.67
CA ALA A 73 -2.52 2.30 12.47
C ALA A 73 -2.03 2.41 11.03
N VAL A 74 -1.59 1.29 10.46
CA VAL A 74 -1.25 1.33 9.04
C VAL A 74 -2.46 1.72 8.21
N LYS A 75 -3.62 1.10 8.47
CA LYS A 75 -4.79 1.38 7.64
C LYS A 75 -5.17 2.85 7.73
N LYS A 76 -5.26 3.38 8.97
CA LYS A 76 -5.85 4.71 9.14
C LYS A 76 -4.84 5.81 8.80
N VAL A 77 -3.62 5.67 9.32
CA VAL A 77 -2.63 6.76 9.22
C VAL A 77 -1.80 6.62 7.98
N ILE A 78 -1.23 5.45 7.73
CA ILE A 78 -0.45 5.30 6.50
C ILE A 78 -1.38 5.43 5.31
N GLY A 79 -2.65 5.12 5.53
CA GLY A 79 -3.67 5.33 4.48
C GLY A 79 -3.86 6.76 4.06
N ALA A 80 -3.35 7.74 4.81
CA ALA A 80 -3.39 9.14 4.40
C ALA A 80 -2.45 9.42 3.24
N PHE A 81 -1.38 8.65 3.11
CA PHE A 81 -0.39 8.88 2.06
C PHE A 81 -0.91 8.36 0.73
N ASN A 82 -0.30 8.83 -0.35
CA ASN A 82 -0.58 8.18 -1.63
C ASN A 82 0.06 6.80 -1.62
N PRO A 83 -0.70 5.71 -1.84
CA PRO A 83 -0.08 4.39 -1.76
C PRO A 83 1.02 4.21 -2.79
N ALA A 84 1.07 5.01 -3.86
CA ALA A 84 2.17 4.84 -4.80
C ALA A 84 3.52 5.25 -4.19
N GLY A 85 3.50 5.97 -3.05
CA GLY A 85 4.76 6.46 -2.47
C GLY A 85 5.05 5.79 -1.14
N VAL A 86 4.44 4.63 -0.89
CA VAL A 86 4.56 3.91 0.38
C VAL A 86 4.98 2.48 0.08
N GLN A 87 5.90 1.98 0.89
CA GLN A 87 6.23 0.56 0.84
C GLN A 87 5.98 -0.03 2.20
N ILE A 88 5.01 -0.98 2.32
CA ILE A 88 4.73 -1.59 3.63
C ILE A 88 5.29 -3.01 3.61
N THR A 89 6.00 -3.38 4.65
CA THR A 89 6.44 -4.76 4.80
C THR A 89 5.96 -5.24 6.15
N SER A 90 5.32 -6.41 6.16
CA SER A 90 4.92 -7.04 7.42
C SER A 90 5.91 -8.20 7.64
N PHE A 91 6.74 -8.10 8.67
CA PHE A 91 7.75 -9.13 8.92
C PHE A 91 7.14 -10.24 9.76
N LYS A 92 7.14 -11.45 9.20
CA LYS A 92 6.62 -12.61 9.89
C LYS A 92 7.75 -13.55 10.29
N GLN A 93 7.40 -14.79 10.67
CA GLN A 93 8.47 -15.66 11.15
C GLN A 93 9.50 -15.88 10.03
N PRO A 94 10.80 -15.80 10.33
CA PRO A 94 11.83 -15.95 9.28
C PRO A 94 11.73 -17.30 8.57
N SER A 95 11.84 -17.26 7.25
CA SER A 95 11.93 -18.47 6.46
C SER A 95 13.28 -19.16 6.67
N ALA A 96 13.36 -20.38 6.13
CA ALA A 96 14.66 -21.08 6.17
C ALA A 96 15.76 -20.27 5.48
N GLU A 97 15.43 -19.65 4.35
CA GLU A 97 16.43 -18.82 3.67
C GLU A 97 16.84 -17.64 4.53
N GLU A 98 15.88 -16.94 5.14
CA GLU A 98 16.23 -15.81 5.98
C GLU A 98 17.08 -16.24 7.17
N LEU A 99 16.74 -17.40 7.76
CA LEU A 99 17.49 -17.89 8.92
C LEU A 99 18.91 -18.22 8.56
N SER A 100 19.17 -18.54 7.30
CA SER A 100 20.51 -18.87 6.86
C SER A 100 21.36 -17.63 6.62
N HIS A 101 20.80 -16.44 6.86
CA HIS A 101 21.53 -15.17 6.75
C HIS A 101 21.59 -14.48 8.11
N ASP A 102 22.36 -13.40 8.18
CA ASP A 102 22.36 -12.58 9.39
C ASP A 102 20.99 -11.93 9.57
N PHE A 103 20.65 -11.58 10.84
CA PHE A 103 19.25 -11.20 11.09
C PHE A 103 18.81 -9.91 10.41
N LEU A 104 19.75 -9.07 9.97
CA LEU A 104 19.37 -7.85 9.28
C LEU A 104 19.32 -8.01 7.77
N TRP A 105 19.66 -9.18 7.24
CA TRP A 105 19.66 -9.34 5.78
C TRP A 105 18.26 -9.07 5.20
N ARG A 106 17.23 -9.72 5.78
CA ARG A 106 15.88 -9.52 5.24
C ARG A 106 15.33 -8.15 5.56
N ILE A 107 15.83 -7.51 6.63
CA ILE A 107 15.35 -6.20 7.01
C ILE A 107 15.91 -5.13 6.08
N HIS A 108 17.24 -5.20 5.86
CA HIS A 108 17.91 -4.18 5.04
C HIS A 108 17.32 -4.18 3.64
N GLN A 109 17.02 -5.38 3.12
CA GLN A 109 16.47 -5.46 1.74
C GLN A 109 15.21 -4.58 1.57
N LYS A 110 14.43 -4.38 2.64
CA LYS A 110 13.17 -3.63 2.57
CA LYS A 110 13.17 -3.63 2.56
C LYS A 110 13.30 -2.16 2.97
N ALA A 111 14.53 -1.65 3.16
CA ALA A 111 14.65 -0.25 3.49
C ALA A 111 14.17 0.59 2.32
N PRO A 112 13.57 1.76 2.58
CA PRO A 112 12.91 2.50 1.49
C PRO A 112 13.90 3.20 0.58
N ALA A 113 13.51 3.29 -0.69
CA ALA A 113 14.25 4.05 -1.70
C ALA A 113 14.01 5.54 -1.49
N LYS A 114 14.88 6.38 -2.09
CA LYS A 114 14.67 7.81 -2.05
C LYS A 114 13.28 8.18 -2.59
N GLY A 115 12.63 9.14 -1.91
CA GLY A 115 11.30 9.59 -2.24
C GLY A 115 10.17 8.82 -1.63
N TYR A 116 10.45 7.71 -0.93
CA TYR A 116 9.38 6.83 -0.43
C TYR A 116 9.24 6.89 1.08
N VAL A 117 8.04 6.53 1.54
CA VAL A 117 7.80 6.24 2.96
C VAL A 117 7.81 4.72 3.10
N GLY A 118 8.74 4.17 3.88
CA GLY A 118 8.70 2.75 4.20
C GLY A 118 8.02 2.54 5.54
N VAL A 119 7.30 1.44 5.67
CA VAL A 119 6.63 1.06 6.91
C VAL A 119 7.00 -0.39 7.20
N PHE A 120 7.49 -0.64 8.39
CA PHE A 120 7.78 -1.95 8.84
C PHE A 120 6.74 -2.29 9.92
N ASN A 121 5.82 -3.19 9.62
CA ASN A 121 4.91 -3.72 10.62
C ASN A 121 5.65 -4.92 11.24
N ARG A 122 6.20 -4.72 12.45
CA ARG A 122 7.26 -5.58 13.01
C ARG A 122 8.55 -5.35 12.25
N SER A 123 9.70 -5.80 12.78
CA SER A 123 10.92 -5.19 12.32
C SER A 123 12.12 -6.00 12.82
N GLN A 124 13.30 -5.40 12.65
CA GLN A 124 14.52 -5.98 13.21
C GLN A 124 14.40 -6.19 14.71
N TYR A 125 13.54 -5.43 15.40
CA TYR A 125 13.48 -5.63 16.86
C TYR A 125 12.90 -6.98 17.27
N GLU A 126 12.11 -7.64 16.41
CA GLU A 126 11.66 -8.99 16.74
C GLU A 126 12.82 -9.91 17.09
N ASP A 127 13.96 -9.70 16.47
CA ASP A 127 15.11 -10.54 16.72
C ASP A 127 15.73 -10.29 18.12
N VAL A 128 15.21 -9.32 18.86
CA VAL A 128 15.63 -9.14 20.27
C VAL A 128 14.38 -9.04 21.17
N LEU A 129 13.24 -9.60 20.70
CA LEU A 129 12.04 -9.58 21.53
C LEU A 129 11.60 -11.01 21.83
N VAL A 130 10.74 -11.60 20.98
CA VAL A 130 10.31 -12.99 21.21
C VAL A 130 11.52 -13.96 21.40
N THR A 131 12.62 -13.72 20.67
CA THR A 131 13.82 -14.57 20.75
C THR A 131 14.42 -14.58 22.14
N ARG A 132 14.28 -13.47 22.87
CA ARG A 132 14.82 -13.41 24.24
C ARG A 132 13.85 -14.03 25.24
N VAL A 133 12.55 -13.72 25.09
CA VAL A 133 11.58 -14.24 26.05
C VAL A 133 11.64 -15.76 26.07
N TYR A 134 11.75 -16.38 24.91
CA TYR A 134 11.71 -17.83 24.85
C TYR A 134 13.11 -18.43 24.77
N ASP A 135 14.13 -17.65 25.10
CA ASP A 135 15.47 -18.18 25.40
C ASP A 135 16.12 -18.78 24.16
N MET A 136 15.79 -18.25 23.00
CA MET A 136 16.51 -18.65 21.79
C MET A 136 17.82 -17.90 21.66
N ILE A 137 17.97 -16.73 22.30
CA ILE A 137 19.26 -16.05 22.39
C ILE A 137 19.42 -15.58 23.83
N ASP A 138 20.64 -15.29 24.19
CA ASP A 138 20.88 -14.87 25.57
C ASP A 138 21.28 -13.38 25.60
N ASP A 139 21.60 -12.86 26.81
CA ASP A 139 21.77 -11.42 26.88
C ASP A 139 22.97 -10.91 26.10
N LYS A 140 24.07 -11.69 26.07
CA LYS A 140 25.22 -11.24 25.30
C LYS A 140 24.89 -11.10 23.81
N THR A 141 24.20 -12.08 23.26
CA THR A 141 23.75 -11.98 21.86
C THR A 141 22.79 -10.82 21.65
N ALA A 142 21.85 -10.62 22.59
CA ALA A 142 20.91 -9.49 22.47
C ALA A 142 21.65 -8.17 22.46
N LYS A 143 22.68 -8.05 23.30
CA LYS A 143 23.45 -6.80 23.30
C LYS A 143 24.14 -6.57 21.95
N ARG A 144 24.73 -7.62 21.39
CA ARG A 144 25.34 -7.52 20.08
C ARG A 144 24.32 -7.10 19.05
N ARG A 145 23.14 -7.77 19.08
CA ARG A 145 22.13 -7.44 18.07
C ARG A 145 21.63 -6.02 18.23
N LEU A 146 21.50 -5.53 19.48
CA LEU A 146 21.06 -4.14 19.62
C LEU A 146 22.10 -3.16 19.06
N GLU A 147 23.37 -3.45 19.28
CA GLU A 147 24.43 -2.63 18.67
C GLU A 147 24.34 -2.67 17.15
N HIS A 148 24.15 -3.86 16.57
CA HIS A 148 24.03 -3.94 15.11
C HIS A 148 22.80 -3.20 14.61
N ILE A 149 21.69 -3.28 15.35
CA ILE A 149 20.51 -2.51 14.99
C ILE A 149 20.83 -1.03 14.98
N ARG A 150 21.46 -0.55 16.04
CA ARG A 150 21.79 0.87 16.07
C ARG A 150 22.69 1.26 14.88
N HIS A 151 23.70 0.42 14.57
CA HIS A 151 24.58 0.73 13.44
C HIS A 151 23.84 0.75 12.12
N PHE A 152 22.88 -0.18 11.98
CA PHE A 152 22.00 -0.19 10.79
C PHE A 152 21.17 1.10 10.69
N GLU A 153 20.60 1.55 11.81
CA GLU A 153 19.82 2.79 11.80
C GLU A 153 20.69 4.00 11.49
N GLU A 154 21.94 3.98 11.98
CA GLU A 154 22.89 5.08 11.71
C GLU A 154 23.22 5.11 10.21
N LEU A 155 23.41 3.93 9.62
CA LEU A 155 23.65 3.84 8.18
C LEU A 155 22.48 4.45 7.37
N LEU A 156 21.23 4.06 7.70
CA LEU A 156 20.06 4.62 7.01
C LEU A 156 19.94 6.11 7.23
N THR A 157 20.17 6.58 8.48
CA THR A 157 20.12 8.02 8.76
C THR A 157 21.10 8.76 7.87
N ASP A 158 22.30 8.20 7.68
CA ASP A 158 23.31 8.92 6.91
C ASP A 158 22.97 8.93 5.42
N ASN A 159 22.10 8.02 4.99
CA ASN A 159 21.49 7.92 3.65
C ASN A 159 20.24 8.84 3.51
N ALA A 160 19.97 9.67 4.52
CA ALA A 160 18.81 10.57 4.51
C ALA A 160 17.50 9.80 4.59
N THR A 161 17.54 8.58 5.17
CA THR A 161 16.33 7.89 5.63
C THR A 161 16.08 8.35 7.05
N ARG A 162 15.02 9.10 7.26
CA ARG A 162 14.60 9.54 8.58
C ARG A 162 13.89 8.41 9.30
N ILE A 163 14.35 8.03 10.48
CA ILE A 163 13.84 6.82 11.17
C ILE A 163 12.94 7.26 12.30
N VAL A 164 11.73 6.70 12.36
CA VAL A 164 10.82 6.92 13.51
C VAL A 164 10.37 5.55 13.97
N LYS A 165 10.62 5.22 15.24
CA LYS A 165 10.20 3.93 15.77
C LYS A 165 9.06 4.16 16.75
N VAL A 166 8.00 3.34 16.65
CA VAL A 166 6.83 3.59 17.48
C VAL A 166 6.43 2.30 18.18
N TYR A 167 6.31 2.38 19.51
CA TYR A 167 5.83 1.26 20.30
C TYR A 167 4.38 1.59 20.65
N LEU A 168 3.42 0.72 20.27
CA LEU A 168 2.01 0.95 20.61
C LEU A 168 1.76 0.34 21.98
N HIS A 169 1.36 1.19 22.92
CA HIS A 169 1.43 0.86 24.36
C HIS A 169 -0.01 0.56 24.79
N ILE A 170 -0.37 -0.75 24.92
CA ILE A 170 -1.71 -1.09 25.40
C ILE A 170 -1.59 -1.83 26.71
N SER A 171 -2.65 -1.76 27.50
CA SER A 171 -2.68 -2.46 28.78
C SER A 171 -3.05 -3.95 28.57
N PRO A 172 -2.70 -4.79 29.56
CA PRO A 172 -3.05 -6.23 29.44
C PRO A 172 -4.54 -6.45 29.40
N GLU A 173 -5.31 -5.62 30.13
CA GLU A 173 -6.76 -5.74 30.03
C GLU A 173 -7.28 -5.35 28.66
N GLU A 174 -6.69 -4.33 28.05
CA GLU A 174 -7.11 -3.97 26.71
C GLU A 174 -6.84 -5.11 25.76
N GLN A 175 -5.65 -5.72 25.87
CA GLN A 175 -5.33 -6.83 24.98
C GLN A 175 -6.33 -7.94 25.16
N LYS A 176 -6.67 -8.23 26.41
CA LYS A 176 -7.58 -9.33 26.69
C LYS A 176 -8.96 -9.07 26.08
N GLU A 177 -9.47 -7.83 26.21
CA GLU A 177 -10.76 -7.52 25.54
C GLU A 177 -10.69 -7.70 24.04
N ARG A 178 -9.61 -7.18 23.43
CA ARG A 178 -9.50 -7.25 21.98
C ARG A 178 -9.35 -8.70 21.50
N LEU A 179 -8.58 -9.50 22.23
CA LEU A 179 -8.46 -10.93 21.87
C LEU A 179 -9.79 -11.65 22.03
N GLN A 180 -10.46 -11.41 23.17
CA GLN A 180 -11.77 -12.01 23.35
C GLN A 180 -12.71 -11.63 22.21
N ALA A 181 -12.60 -10.38 21.71
CA ALA A 181 -13.47 -9.98 20.59
C ALA A 181 -13.18 -10.77 19.33
N ARG A 182 -11.91 -11.22 19.15
CA ARG A 182 -11.64 -12.15 18.03
C ARG A 182 -12.32 -13.49 18.24
N LEU A 183 -12.32 -14.02 19.47
CA LEU A 183 -13.02 -15.28 19.71
C LEU A 183 -14.52 -15.14 19.53
N ASP A 184 -15.05 -13.98 19.88
CA ASP A 184 -16.50 -13.85 19.85
C ASP A 184 -17.03 -13.58 18.46
N ASN A 185 -16.21 -13.16 17.52
CA ASN A 185 -16.66 -12.81 16.18
C ASN A 185 -16.27 -13.92 15.22
N PRO A 186 -17.22 -14.68 14.65
CA PRO A 186 -16.82 -15.80 13.78
C PRO A 186 -15.96 -15.37 12.60
N GLY A 187 -16.05 -14.10 12.15
CA GLY A 187 -15.18 -13.55 11.12
C GLY A 187 -13.78 -13.24 11.55
N LYS A 188 -13.45 -13.50 12.83
CA LYS A 188 -12.14 -13.16 13.36
C LYS A 188 -11.45 -14.37 13.98
N HIS A 189 -12.10 -15.55 14.00
CA HIS A 189 -11.43 -16.71 14.58
C HIS A 189 -10.12 -16.99 13.87
N TRP A 190 -10.07 -16.75 12.55
CA TRP A 190 -8.90 -17.09 11.76
C TRP A 190 -7.66 -16.36 12.26
N LYS A 191 -7.86 -15.28 12.99
CA LYS A 191 -6.90 -14.32 13.45
C LYS A 191 -6.42 -14.61 14.86
N PHE A 192 -7.01 -15.62 15.50
CA PHE A 192 -6.75 -15.91 16.89
C PHE A 192 -6.09 -17.27 16.97
N ASN A 193 -4.96 -17.33 17.65
CA ASN A 193 -4.17 -18.56 17.79
C ASN A 193 -4.04 -18.87 19.27
N PRO A 194 -4.67 -19.91 19.80
CA PRO A 194 -4.60 -20.08 21.27
C PRO A 194 -3.19 -20.32 21.72
N GLY A 195 -2.33 -20.90 20.86
CA GLY A 195 -0.95 -21.09 21.24
C GLY A 195 -0.25 -19.78 21.55
N ASP A 196 -0.73 -18.72 20.97
CA ASP A 196 -0.18 -17.41 21.19
C ASP A 196 -0.44 -16.89 22.61
N LEU A 197 -1.37 -17.50 23.36
CA LEU A 197 -1.69 -17.10 24.73
C LEU A 197 -0.53 -17.24 25.73
N LYS A 198 0.47 -18.06 25.44
CA LYS A 198 1.66 -18.13 26.25
C LYS A 198 2.36 -16.78 26.35
N ASP A 199 2.23 -15.95 25.34
CA ASP A 199 2.81 -14.63 25.40
C ASP A 199 2.24 -13.80 26.56
N ARG A 200 0.96 -13.94 26.84
CA ARG A 200 0.34 -13.27 27.95
C ARG A 200 0.91 -13.73 29.28
N SER A 201 1.18 -15.03 29.40
CA SER A 201 1.82 -15.52 30.60
C SER A 201 3.18 -14.87 30.80
N ASN A 202 3.77 -14.38 29.71
CA ASN A 202 5.12 -13.80 29.75
C ASN A 202 5.07 -12.30 29.60
N TRP A 203 3.93 -11.69 29.98
CA TRP A 203 3.75 -10.26 29.77
C TRP A 203 4.90 -9.44 30.35
N ASP A 204 5.30 -9.74 31.60
CA ASP A 204 6.35 -8.92 32.21
C ASP A 204 7.71 -9.16 31.56
N LYS A 205 7.96 -10.39 31.11
CA LYS A 205 9.20 -10.63 30.38
C LYS A 205 9.22 -9.85 29.09
N PHE A 206 8.08 -9.72 28.42
CA PHE A 206 8.04 -8.90 27.23
C PHE A 206 8.26 -7.43 27.59
N ASN A 207 7.68 -6.95 28.71
CA ASN A 207 8.00 -5.58 29.12
C ASN A 207 9.51 -5.40 29.19
N ASP A 208 10.17 -6.34 29.87
CA ASP A 208 11.61 -6.29 30.05
CA ASP A 208 11.62 -6.30 30.05
C ASP A 208 12.37 -6.13 28.73
N VAL A 209 12.07 -6.98 27.75
CA VAL A 209 12.83 -6.88 26.49
C VAL A 209 12.39 -5.69 25.63
N TYR A 210 11.14 -5.26 25.73
CA TYR A 210 10.72 -4.06 25.04
C TYR A 210 11.49 -2.86 25.60
N GLU A 211 11.66 -2.83 26.91
CA GLU A 211 12.41 -1.72 27.56
C GLU A 211 13.85 -1.70 27.09
N ASP A 212 14.45 -2.88 26.87
CA ASP A 212 15.80 -2.89 26.30
C ASP A 212 15.79 -2.44 24.84
N ALA A 213 14.77 -2.85 24.06
CA ALA A 213 14.72 -2.37 22.68
C ALA A 213 14.69 -0.84 22.62
N LEU A 214 13.97 -0.22 23.58
CA LEU A 214 13.83 1.25 23.52
C LEU A 214 15.17 1.95 23.77
N THR A 215 16.17 1.24 24.24
CA THR A 215 17.46 1.89 24.47
C THR A 215 18.14 2.31 23.17
N THR A 216 17.66 1.87 21.98
CA THR A 216 18.24 2.40 20.76
C THR A 216 17.65 3.78 20.39
N SER A 217 16.84 4.37 21.29
CA SER A 217 16.27 5.69 20.96
C SER A 217 17.38 6.74 21.00
N THR A 218 17.56 7.43 19.90
CA THR A 218 18.55 8.51 19.81
C THR A 218 17.84 9.73 19.24
N ASP A 219 18.52 10.89 19.22
CA ASP A 219 17.89 12.05 18.60
C ASP A 219 17.62 11.79 17.13
N ASP A 220 18.56 11.14 16.45
CA ASP A 220 18.35 10.86 15.02
C ASP A 220 17.33 9.74 14.79
N ALA A 221 17.25 8.76 15.70
CA ALA A 221 16.39 7.59 15.47
C ALA A 221 15.61 7.34 16.75
N PRO A 222 14.59 8.14 17.01
CA PRO A 222 13.87 8.09 18.28
C PRO A 222 12.85 6.96 18.27
N TRP A 223 12.62 6.42 19.46
CA TRP A 223 11.42 5.67 19.78
C TRP A 223 10.39 6.61 20.40
N TYR A 224 9.11 6.33 20.09
CA TYR A 224 7.97 6.95 20.74
C TYR A 224 7.12 5.86 21.38
N VAL A 225 6.67 6.11 22.60
CA VAL A 225 5.74 5.23 23.32
C VAL A 225 4.36 5.88 23.16
N VAL A 226 3.48 5.23 22.40
CA VAL A 226 2.21 5.82 22.01
C VAL A 226 1.07 5.12 22.78
N PRO A 227 0.38 5.81 23.70
CA PRO A 227 -0.76 5.21 24.41
C PRO A 227 -1.83 4.85 23.38
N ALA A 228 -2.13 3.55 23.28
CA ALA A 228 -2.92 3.06 22.15
C ALA A 228 -4.18 2.32 22.60
N ASP A 229 -4.51 2.34 23.91
CA ASP A 229 -5.82 1.76 24.28
C ASP A 229 -6.96 2.42 23.55
N ARG A 230 -6.87 3.71 23.28
CA ARG A 230 -7.89 4.41 22.51
C ARG A 230 -7.38 4.42 21.06
N LYS A 231 -8.03 3.70 20.15
CA LYS A 231 -7.45 3.59 18.81
C LYS A 231 -7.40 4.95 18.13
N TRP A 232 -8.42 5.78 18.36
CA TRP A 232 -8.42 7.10 17.71
C TRP A 232 -7.24 7.96 18.19
N TYR A 233 -6.84 7.80 19.45
CA TYR A 233 -5.74 8.62 19.93
C TYR A 233 -4.39 8.10 19.43
N ARG A 234 -4.27 6.77 19.32
CA ARG A 234 -3.13 6.19 18.62
C ARG A 234 -2.96 6.83 17.23
N ASP A 235 -4.06 6.91 16.46
CA ASP A 235 -3.98 7.43 15.11
C ASP A 235 -3.61 8.90 15.13
N LEU A 236 -4.15 9.65 16.12
CA LEU A 236 -3.86 11.08 16.17
C LEU A 236 -2.39 11.31 16.48
N VAL A 237 -1.88 10.61 17.49
CA VAL A 237 -0.49 10.81 17.91
C VAL A 237 0.46 10.37 16.78
N LEU A 238 0.21 9.21 16.17
CA LEU A 238 1.08 8.77 15.08
C LEU A 238 1.05 9.81 13.93
N SER A 239 -0.14 10.33 13.61
CA SER A 239 -0.22 11.36 12.55
C SER A 239 0.67 12.56 12.86
N HIS A 240 0.64 13.04 14.11
CA HIS A 240 1.55 14.14 14.50
C HIS A 240 3.02 13.76 14.36
N ILE A 241 3.38 12.58 14.88
CA ILE A 241 4.77 12.11 14.78
C ILE A 241 5.25 12.14 13.33
N LEU A 242 4.47 11.56 12.42
CA LEU A 242 4.92 11.52 11.02
C LEU A 242 4.93 12.91 10.39
N LEU A 243 3.95 13.74 10.72
CA LEU A 243 3.90 15.07 10.12
C LEU A 243 5.04 15.90 10.64
N GLY A 244 5.36 15.77 11.93
CA GLY A 244 6.51 16.50 12.46
C GLY A 244 7.80 16.10 11.77
N ALA A 245 7.96 14.79 11.51
CA ALA A 245 9.15 14.32 10.83
C ALA A 245 9.22 14.91 9.43
N LEU A 246 8.10 14.82 8.68
CA LEU A 246 8.16 15.29 7.30
C LEU A 246 8.39 16.80 7.24
N LYS A 247 7.73 17.58 8.14
CA LYS A 247 7.99 19.03 8.13
C LYS A 247 9.46 19.36 8.44
N ASP A 248 10.08 18.58 9.30
CA ASP A 248 11.47 18.85 9.64
C ASP A 248 12.38 18.47 8.49
N MET A 249 12.06 17.37 7.80
CA MET A 249 12.78 16.99 6.57
C MET A 249 12.63 18.04 5.45
N ASN A 250 11.47 18.68 5.41
CA ASN A 250 11.23 19.87 4.61
C ASN A 250 11.51 19.65 3.12
N PRO A 251 11.06 18.56 2.53
CA PRO A 251 11.38 18.29 1.11
C PRO A 251 10.75 19.37 0.23
N GLN A 252 11.48 19.72 -0.84
CA GLN A 252 11.05 20.83 -1.69
C GLN A 252 10.67 20.28 -3.05
N PHE A 253 9.69 20.91 -3.68
CA PHE A 253 9.42 20.53 -5.07
C PHE A 253 10.65 20.85 -5.92
N PRO A 254 10.97 20.03 -6.90
CA PRO A 254 12.24 20.22 -7.63
C PRO A 254 12.12 21.37 -8.62
N ALA A 255 13.27 21.90 -9.01
CA ALA A 255 13.25 22.86 -10.12
C ALA A 255 12.79 22.17 -11.39
N ILE A 256 12.19 22.94 -12.30
CA ILE A 256 11.72 22.39 -13.56
C ILE A 256 12.50 23.02 -14.70
N ASP A 257 12.55 22.30 -15.83
CA ASP A 257 13.35 22.74 -16.98
C ASP A 257 12.50 23.37 -18.08
N TYR A 258 11.28 23.79 -17.77
CA TYR A 258 10.42 24.44 -18.74
C TYR A 258 9.66 25.59 -18.06
N ASP A 259 9.07 26.47 -18.87
CA ASP A 259 8.24 27.54 -18.33
C ASP A 259 6.76 27.18 -18.53
N PRO A 260 5.99 26.93 -17.46
CA PRO A 260 4.62 26.42 -17.64
C PRO A 260 3.69 27.41 -18.34
N SER A 261 3.92 28.71 -18.17
CA SER A 261 3.08 29.71 -18.81
C SER A 261 3.20 29.67 -20.32
N LYS A 262 4.34 29.18 -20.83
CA LYS A 262 4.63 29.08 -22.26
C LYS A 262 4.07 27.82 -22.91
N VAL A 263 3.64 26.83 -22.13
CA VAL A 263 3.32 25.53 -22.71
C VAL A 263 1.95 25.59 -23.35
N VAL A 264 1.85 25.10 -24.58
CA VAL A 264 0.59 25.05 -25.30
C VAL A 264 0.17 23.59 -25.44
N ILE A 265 -0.93 23.21 -24.82
CA ILE A 265 -1.47 21.87 -25.01
C ILE A 265 -2.45 21.91 -26.17
N HIS A 266 -2.15 21.17 -27.23
CA HIS A 266 -3.08 21.09 -28.34
C HIS A 266 -4.30 20.22 -28.08
N MET B 1 -25.01 0.89 -19.67
CA MET B 1 -24.25 1.36 -18.52
C MET B 1 -24.33 0.42 -17.27
N ASP B 2 -24.68 -0.87 -17.46
CA ASP B 2 -24.55 -1.90 -16.43
C ASP B 2 -23.17 -2.54 -16.58
N ILE B 3 -22.63 -3.12 -15.50
CA ILE B 3 -21.17 -3.33 -15.43
C ILE B 3 -20.70 -4.26 -16.55
N ASP B 4 -21.50 -5.27 -16.90
CA ASP B 4 -21.02 -6.13 -17.98
C ASP B 4 -20.99 -5.41 -19.31
N ASN B 5 -21.68 -4.28 -19.44
CA ASN B 5 -21.56 -3.51 -20.68
C ASN B 5 -20.13 -2.99 -20.88
N TYR B 6 -19.37 -2.90 -19.80
CA TYR B 6 -18.00 -2.40 -19.91
C TYR B 6 -16.99 -3.53 -20.14
N ARG B 7 -17.43 -4.77 -20.13
CA ARG B 7 -16.47 -5.85 -20.33
C ARG B 7 -16.18 -5.99 -21.82
N VAL B 8 -14.90 -6.15 -22.17
CA VAL B 8 -14.53 -6.45 -23.55
C VAL B 8 -14.79 -7.92 -23.77
N LYS B 9 -15.75 -8.26 -24.61
CA LYS B 9 -16.06 -9.66 -24.89
C LYS B 9 -14.92 -10.28 -25.68
N PRO B 10 -14.67 -11.58 -25.50
CA PRO B 10 -13.55 -12.19 -26.24
C PRO B 10 -13.77 -12.05 -27.73
N GLY B 11 -12.69 -11.80 -28.46
CA GLY B 11 -12.82 -11.69 -29.91
C GLY B 11 -11.57 -11.07 -30.49
N LYS B 12 -11.58 -10.87 -31.82
CA LYS B 12 -10.36 -10.42 -32.49
C LYS B 12 -10.33 -8.93 -32.81
N ARG B 13 -11.40 -8.19 -32.52
CA ARG B 13 -11.58 -6.81 -32.98
C ARG B 13 -12.26 -6.03 -31.87
N VAL B 14 -11.62 -4.95 -31.43
CA VAL B 14 -12.06 -4.12 -30.33
C VAL B 14 -12.01 -2.68 -30.81
N LYS B 15 -13.10 -1.92 -30.58
CA LYS B 15 -13.13 -0.51 -30.96
C LYS B 15 -13.51 0.32 -29.75
N LEU B 16 -12.55 1.17 -29.30
CA LEU B 16 -12.79 2.01 -28.13
C LEU B 16 -13.99 2.93 -28.32
N SER B 17 -14.31 3.28 -29.56
CA SER B 17 -15.46 4.17 -29.85
C SER B 17 -16.80 3.52 -29.52
N ASP B 18 -16.80 2.22 -29.20
CA ASP B 18 -18.01 1.56 -28.75
C ASP B 18 -18.42 1.99 -27.37
N TRP B 19 -17.54 2.64 -26.62
CA TRP B 19 -17.89 3.09 -25.29
C TRP B 19 -17.73 4.58 -25.19
N ALA B 20 -18.59 5.23 -24.40
CA ALA B 20 -18.47 6.66 -24.17
C ALA B 20 -17.46 6.85 -23.05
N THR B 21 -16.83 8.04 -23.02
CA THR B 21 -15.87 8.36 -21.96
C THR B 21 -16.52 8.99 -20.74
N ASN B 22 -17.81 9.30 -20.81
CA ASN B 22 -18.39 10.14 -19.77
C ASN B 22 -19.74 9.64 -19.27
N ASP B 23 -19.95 8.32 -19.19
CA ASP B 23 -21.17 7.73 -18.64
C ASP B 23 -21.34 8.18 -17.20
N ASP B 24 -22.59 8.26 -16.75
CA ASP B 24 -22.85 8.42 -15.33
C ASP B 24 -23.92 7.48 -14.80
N ALA B 25 -24.44 6.58 -15.65
CA ALA B 25 -25.53 5.67 -15.30
C ALA B 25 -26.73 6.42 -14.71
N GLY B 26 -26.94 7.67 -15.11
CA GLY B 26 -28.08 8.39 -14.56
C GLY B 26 -27.98 8.83 -13.13
N LEU B 27 -26.79 8.79 -12.54
CA LEU B 27 -26.56 9.14 -11.14
C LEU B 27 -25.93 10.51 -11.01
N SER B 28 -26.28 11.23 -9.95
CA SER B 28 -25.50 12.40 -9.62
C SER B 28 -24.18 11.99 -8.98
N LYS B 29 -23.24 12.94 -8.97
CA LYS B 29 -21.97 12.71 -8.31
C LYS B 29 -22.17 12.31 -6.85
N GLU B 30 -23.10 12.96 -6.17
CA GLU B 30 -23.31 12.64 -4.75
C GLU B 30 -23.87 11.24 -4.57
N GLU B 31 -24.79 10.82 -5.45
CA GLU B 31 -25.32 9.45 -5.34
C GLU B 31 -24.24 8.43 -5.60
N GLY B 32 -23.44 8.66 -6.64
CA GLY B 32 -22.41 7.71 -6.97
C GLY B 32 -21.37 7.60 -5.88
N GLN B 33 -20.95 8.74 -5.35
CA GLN B 33 -20.01 8.73 -4.23
C GLN B 33 -20.55 7.98 -3.02
N ALA B 34 -21.85 8.18 -2.70
CA ALA B 34 -22.48 7.42 -1.63
C ALA B 34 -22.43 5.92 -1.92
N GLN B 35 -22.68 5.53 -3.16
CA GLN B 35 -22.64 4.10 -3.47
C GLN B 35 -21.21 3.56 -3.37
N THR B 36 -20.23 4.35 -3.80
CA THR B 36 -18.84 3.90 -3.69
C THR B 36 -18.46 3.69 -2.23
N ALA B 37 -18.94 4.57 -1.36
CA ALA B 37 -18.68 4.44 0.07
C ALA B 37 -19.26 3.14 0.63
N LYS B 38 -20.48 2.77 0.18
CA LYS B 38 -21.09 1.53 0.66
CA LYS B 38 -21.07 1.53 0.68
C LYS B 38 -20.30 0.33 0.17
N LEU B 39 -19.92 0.35 -1.11
CA LEU B 39 -19.16 -0.74 -1.68
C LEU B 39 -17.82 -0.90 -0.99
N ALA B 40 -17.21 0.18 -0.48
CA ALA B 40 -15.88 0.05 0.12
C ALA B 40 -15.92 -0.94 1.29
N GLY B 41 -16.99 -0.87 2.08
CA GLY B 41 -17.11 -1.78 3.23
C GLY B 41 -17.21 -3.23 2.77
N GLU B 42 -17.91 -3.48 1.66
CA GLU B 42 -18.01 -4.84 1.13
C GLU B 42 -16.69 -5.31 0.56
N LEU B 43 -15.98 -4.42 -0.14
CA LEU B 43 -14.65 -4.75 -0.62
C LEU B 43 -13.73 -5.18 0.53
N ALA B 44 -13.77 -4.43 1.64
CA ALA B 44 -12.88 -4.76 2.76
C ALA B 44 -13.25 -6.10 3.36
N GLU B 45 -14.57 -6.41 3.47
CA GLU B 45 -14.96 -7.71 4.03
C GLU B 45 -14.51 -8.86 3.14
N TRP B 46 -14.71 -8.72 1.84
CA TRP B 46 -14.31 -9.81 0.93
C TRP B 46 -12.78 -9.95 0.87
N GLN B 47 -12.03 -8.84 0.95
CA GLN B 47 -10.59 -8.98 0.89
C GLN B 47 -10.06 -9.63 2.17
N GLU B 48 -10.68 -9.35 3.32
CA GLU B 48 -10.28 -10.07 4.53
C GLU B 48 -10.50 -11.57 4.37
N ARG B 49 -11.64 -11.96 3.78
CA ARG B 49 -11.88 -13.39 3.52
C ARG B 49 -10.84 -13.98 2.57
N LEU B 50 -10.53 -13.24 1.49
CA LEU B 50 -9.47 -13.68 0.57
C LEU B 50 -8.17 -14.01 1.31
N TYR B 51 -7.72 -13.07 2.14
CA TYR B 51 -6.50 -13.25 2.91
C TYR B 51 -6.62 -14.40 3.88
N ALA B 52 -7.69 -14.42 4.69
CA ALA B 52 -7.87 -15.49 5.67
C ALA B 52 -7.88 -16.86 5.00
N GLU B 53 -8.52 -16.96 3.83
CA GLU B 53 -8.58 -18.25 3.15
C GLU B 53 -7.20 -18.70 2.66
N GLY B 54 -6.42 -17.78 2.05
CA GLY B 54 -5.05 -18.11 1.67
C GLY B 54 -4.92 -19.08 0.50
N LYS B 55 -5.94 -19.14 -0.39
CA LYS B 55 -5.96 -20.07 -1.50
C LYS B 55 -5.99 -19.39 -2.87
N GLN B 56 -6.32 -18.10 -2.93
CA GLN B 56 -6.54 -17.43 -4.19
C GLN B 56 -5.95 -16.03 -4.09
N SER B 57 -5.85 -15.39 -5.24
CA SER B 57 -5.37 -14.02 -5.25
C SER B 57 -6.09 -13.27 -6.36
N LEU B 58 -6.00 -11.94 -6.29
CA LEU B 58 -6.67 -11.05 -7.23
C LEU B 58 -5.63 -10.13 -7.83
N LEU B 59 -5.61 -10.00 -9.13
CA LEU B 59 -4.63 -9.14 -9.76
C LEU B 59 -5.37 -8.15 -10.64
N LEU B 60 -5.34 -6.88 -10.23
CA LEU B 60 -5.92 -5.78 -10.98
C LEU B 60 -4.80 -5.13 -11.78
N ILE B 61 -4.98 -5.03 -13.09
CA ILE B 61 -4.01 -4.34 -13.92
C ILE B 61 -4.67 -3.05 -14.40
N LEU B 62 -4.06 -1.91 -14.12
CA LEU B 62 -4.59 -0.62 -14.58
C LEU B 62 -3.66 -0.15 -15.67
N GLN B 63 -4.22 0.06 -16.83
CA GLN B 63 -3.41 0.43 -17.94
C GLN B 63 -4.15 1.48 -18.71
N ALA B 64 -3.61 2.68 -18.76
CA ALA B 64 -4.24 3.83 -19.37
C ALA B 64 -3.25 4.96 -19.63
N ARG B 65 -3.68 5.93 -20.40
CA ARG B 65 -2.78 7.03 -20.70
C ARG B 65 -2.69 8.07 -19.59
N ASP B 66 -1.80 9.04 -19.76
CA ASP B 66 -1.57 10.01 -18.73
C ASP B 66 -2.81 10.81 -18.43
N ALA B 67 -3.00 11.04 -17.15
CA ALA B 67 -4.09 11.75 -16.52
C ALA B 67 -5.42 11.03 -16.60
N ALA B 68 -5.42 9.77 -17.00
CA ALA B 68 -6.68 9.00 -17.12
C ALA B 68 -7.25 8.55 -15.78
N GLY B 69 -6.49 8.64 -14.69
CA GLY B 69 -7.03 8.30 -13.38
C GLY B 69 -6.40 7.11 -12.66
N LYS B 70 -5.27 6.55 -13.15
CA LYS B 70 -4.72 5.34 -12.52
C LYS B 70 -4.42 5.59 -11.06
N ASP B 71 -3.70 6.67 -10.79
CA ASP B 71 -3.31 7.06 -9.44
C ASP B 71 -4.54 7.23 -8.55
N GLY B 72 -5.55 7.98 -9.04
CA GLY B 72 -6.74 8.26 -8.24
C GLY B 72 -7.53 7.00 -7.98
N ALA B 73 -7.58 6.09 -8.95
CA ALA B 73 -8.28 4.83 -8.77
C ALA B 73 -7.61 4.00 -7.69
N VAL B 74 -6.27 3.93 -7.72
CA VAL B 74 -5.59 3.21 -6.66
C VAL B 74 -5.89 3.83 -5.31
N LYS B 75 -5.80 5.16 -5.21
CA LYS B 75 -6.06 5.82 -3.92
C LYS B 75 -7.45 5.52 -3.40
N LYS B 76 -8.45 5.73 -4.26
CA LYS B 76 -9.83 5.75 -3.76
C LYS B 76 -10.37 4.35 -3.61
N VAL B 77 -10.12 3.51 -4.61
CA VAL B 77 -10.75 2.19 -4.58
C VAL B 77 -9.85 1.18 -3.90
N ILE B 78 -8.58 1.09 -4.32
CA ILE B 78 -7.69 0.11 -3.64
C ILE B 78 -7.53 0.49 -2.17
N GLY B 79 -7.71 1.77 -1.84
CA GLY B 79 -7.72 2.25 -0.46
C GLY B 79 -8.81 1.65 0.42
N ALA B 80 -9.87 1.09 -0.16
CA ALA B 80 -10.88 0.37 0.63
C ALA B 80 -10.32 -0.91 1.26
N PHE B 81 -9.33 -1.51 0.64
CA PHE B 81 -8.77 -2.77 1.15
C PHE B 81 -7.84 -2.48 2.33
N ASN B 82 -7.66 -3.49 3.20
CA ASN B 82 -6.63 -3.41 4.24
C ASN B 82 -5.28 -3.39 3.54
N PRO B 83 -4.43 -2.38 3.75
CA PRO B 83 -3.16 -2.35 3.00
C PRO B 83 -2.25 -3.53 3.30
N ALA B 84 -2.48 -4.26 4.40
CA ALA B 84 -1.63 -5.41 4.70
C ALA B 84 -1.84 -6.52 3.69
N GLY B 85 -2.99 -6.50 2.99
CA GLY B 85 -3.36 -7.48 1.99
C GLY B 85 -3.20 -7.03 0.57
N VAL B 86 -2.51 -5.90 0.33
CA VAL B 86 -2.43 -5.30 -0.99
C VAL B 86 -0.96 -5.18 -1.37
N GLN B 87 -0.64 -5.48 -2.61
CA GLN B 87 0.72 -5.27 -3.10
C GLN B 87 0.63 -4.45 -4.38
N ILE B 88 1.13 -3.21 -4.38
CA ILE B 88 0.98 -2.30 -5.53
C ILE B 88 2.35 -2.17 -6.18
N THR B 89 2.39 -2.25 -7.51
CA THR B 89 3.63 -2.03 -8.23
C THR B 89 3.31 -1.03 -9.32
N SER B 90 4.09 0.05 -9.38
CA SER B 90 3.99 1.05 -10.43
C SER B 90 5.14 0.77 -11.41
N PHE B 91 4.84 0.25 -12.60
CA PHE B 91 5.90 -0.13 -13.53
C PHE B 91 6.34 1.12 -14.27
N LYS B 92 7.61 1.41 -14.20
CA LYS B 92 8.17 2.54 -14.92
C LYS B 92 9.10 2.07 -16.03
N GLN B 93 9.87 3.00 -16.60
CA GLN B 93 10.74 2.58 -17.70
C GLN B 93 11.69 1.46 -17.23
N PRO B 94 11.87 0.41 -18.03
CA PRO B 94 12.74 -0.71 -17.61
C PRO B 94 14.15 -0.24 -17.36
N SER B 95 14.74 -0.76 -16.29
CA SER B 95 16.15 -0.56 -15.99
C SER B 95 17.01 -1.37 -16.93
N ALA B 96 18.33 -1.09 -16.94
CA ALA B 96 19.22 -1.91 -17.76
C ALA B 96 19.11 -3.38 -17.40
N GLU B 97 18.99 -3.70 -16.10
CA GLU B 97 18.90 -5.11 -15.72
C GLU B 97 17.62 -5.74 -16.24
N GLU B 98 16.52 -5.03 -16.09
CA GLU B 98 15.26 -5.51 -16.65
C GLU B 98 15.36 -5.74 -18.15
N LEU B 99 15.94 -4.78 -18.87
CA LEU B 99 16.08 -4.92 -20.33
C LEU B 99 16.95 -6.10 -20.72
N SER B 100 17.86 -6.55 -19.84
CA SER B 100 18.69 -7.71 -20.18
C SER B 100 17.96 -9.03 -19.95
N HIS B 101 16.69 -8.96 -19.58
CA HIS B 101 15.86 -10.16 -19.42
C HIS B 101 14.69 -10.10 -20.39
N ASP B 102 13.97 -11.21 -20.47
CA ASP B 102 12.75 -11.16 -21.28
C ASP B 102 11.77 -10.16 -20.66
N PHE B 103 10.81 -9.67 -21.48
CA PHE B 103 9.99 -8.54 -21.01
C PHE B 103 9.04 -8.93 -19.88
N LEU B 104 8.74 -10.22 -19.68
CA LEU B 104 7.86 -10.59 -18.58
C LEU B 104 8.63 -10.89 -17.29
N TRP B 105 9.95 -10.95 -17.36
CA TRP B 105 10.73 -11.27 -16.15
C TRP B 105 10.39 -10.34 -14.98
N ARG B 106 10.47 -8.99 -15.19
CA ARG B 106 10.16 -8.10 -14.08
C ARG B 106 8.69 -8.09 -13.70
N ILE B 107 7.80 -8.50 -14.63
CA ILE B 107 6.36 -8.50 -14.35
C ILE B 107 6.02 -9.69 -13.49
N HIS B 108 6.51 -10.86 -13.92
CA HIS B 108 6.19 -12.09 -13.19
C HIS B 108 6.64 -12.00 -11.73
N GLN B 109 7.79 -11.33 -11.48
CA GLN B 109 8.31 -11.23 -10.11
C GLN B 109 7.28 -10.61 -9.18
N LYS B 110 6.44 -9.73 -9.70
CA LYS B 110 5.48 -8.95 -8.91
C LYS B 110 4.08 -9.58 -8.89
N ALA B 111 3.90 -10.78 -9.46
CA ALA B 111 2.57 -11.42 -9.40
C ALA B 111 2.22 -11.66 -7.92
N PRO B 112 0.95 -11.58 -7.54
CA PRO B 112 0.62 -11.66 -6.10
C PRO B 112 0.66 -13.07 -5.52
N ALA B 113 1.05 -13.13 -4.24
CA ALA B 113 0.98 -14.38 -3.48
C ALA B 113 -0.48 -14.71 -3.09
N LYS B 114 -0.71 -15.98 -2.77
CA LYS B 114 -2.00 -16.42 -2.27
C LYS B 114 -2.45 -15.55 -1.10
N GLY B 115 -3.72 -15.15 -1.12
CA GLY B 115 -4.31 -14.33 -0.08
C GLY B 115 -4.24 -12.85 -0.37
N TYR B 116 -3.55 -12.43 -1.44
CA TYR B 116 -3.27 -11.01 -1.67
C TYR B 116 -4.04 -10.46 -2.86
N VAL B 117 -4.26 -9.15 -2.82
CA VAL B 117 -4.68 -8.37 -3.98
C VAL B 117 -3.43 -7.72 -4.56
N GLY B 118 -3.10 -8.01 -5.80
CA GLY B 118 -1.96 -7.33 -6.44
C GLY B 118 -2.54 -6.25 -7.35
N VAL B 119 -1.83 -5.11 -7.45
CA VAL B 119 -2.27 -4.05 -8.33
C VAL B 119 -1.08 -3.65 -9.18
N PHE B 120 -1.23 -3.73 -10.48
CA PHE B 120 -0.19 -3.21 -11.39
C PHE B 120 -0.67 -1.86 -11.92
N ASN B 121 0.01 -0.78 -11.56
CA ASN B 121 -0.21 0.53 -12.14
C ASN B 121 0.76 0.59 -13.31
N ARG B 122 0.22 0.38 -14.53
CA ARG B 122 0.97 -0.05 -15.72
C ARG B 122 1.48 -1.48 -15.56
N SER B 123 1.94 -2.11 -16.63
CA SER B 123 1.91 -3.58 -16.59
C SER B 123 2.75 -4.13 -17.75
N GLN B 124 2.63 -5.46 -17.95
CA GLN B 124 3.22 -6.11 -19.15
C GLN B 124 2.71 -5.47 -20.46
N TYR B 125 1.54 -4.82 -20.47
CA TYR B 125 1.05 -4.23 -21.72
C TYR B 125 1.87 -3.03 -22.17
N GLU B 126 2.62 -2.41 -21.28
CA GLU B 126 3.48 -1.32 -21.71
C GLU B 126 4.43 -1.79 -22.82
N ASP B 127 4.85 -3.04 -22.75
CA ASP B 127 5.77 -3.60 -23.72
C ASP B 127 5.14 -3.80 -25.10
N VAL B 128 3.83 -3.56 -25.25
CA VAL B 128 3.21 -3.57 -26.56
C VAL B 128 2.37 -2.29 -26.71
N LEU B 129 2.79 -1.18 -26.06
CA LEU B 129 2.01 0.04 -26.24
C LEU B 129 2.97 1.13 -26.69
N VAL B 130 3.61 1.80 -25.73
CA VAL B 130 4.56 2.84 -26.08
C VAL B 130 5.67 2.31 -26.96
N THR B 131 6.08 1.04 -26.75
CA THR B 131 7.19 0.48 -27.55
C THR B 131 6.80 0.40 -29.03
N ARG B 132 5.51 0.18 -29.31
CA ARG B 132 5.00 0.17 -30.69
C ARG B 132 4.86 1.57 -31.27
N VAL B 133 4.29 2.47 -30.48
CA VAL B 133 4.03 3.82 -30.97
C VAL B 133 5.31 4.48 -31.47
N TYR B 134 6.41 4.28 -30.74
CA TYR B 134 7.67 4.92 -31.07
C TYR B 134 8.63 3.97 -31.76
N ASP B 135 8.11 2.89 -32.34
CA ASP B 135 8.83 2.07 -33.30
C ASP B 135 10.01 1.34 -32.69
N MET B 136 9.95 1.00 -31.40
CA MET B 136 10.98 0.15 -30.84
C MET B 136 10.76 -1.33 -31.14
N ILE B 137 9.52 -1.75 -31.38
CA ILE B 137 9.24 -3.10 -31.86
C ILE B 137 8.30 -2.97 -33.06
N ASP B 138 8.38 -3.93 -33.97
CA ASP B 138 7.48 -3.91 -35.09
C ASP B 138 6.23 -4.74 -34.77
N ASP B 139 5.31 -4.84 -35.74
CA ASP B 139 4.00 -5.42 -35.44
C ASP B 139 4.11 -6.92 -35.20
N LYS B 140 4.97 -7.58 -35.96
CA LYS B 140 5.17 -9.01 -35.79
C LYS B 140 5.68 -9.35 -34.39
N THR B 141 6.60 -8.52 -33.86
CA THR B 141 7.08 -8.72 -32.49
C THR B 141 5.98 -8.43 -31.49
N ALA B 142 5.18 -7.38 -31.75
CA ALA B 142 4.05 -7.08 -30.88
C ALA B 142 3.06 -8.24 -30.81
N LYS B 143 2.78 -8.87 -31.94
CA LYS B 143 1.83 -9.99 -31.93
C LYS B 143 2.37 -11.15 -31.13
N ARG B 144 3.65 -11.45 -31.29
CA ARG B 144 4.29 -12.50 -30.51
C ARG B 144 4.29 -12.16 -29.01
N ARG B 145 4.51 -10.90 -28.66
CA ARG B 145 4.45 -10.54 -27.25
C ARG B 145 3.03 -10.65 -26.69
N LEU B 146 2.03 -10.28 -27.48
CA LEU B 146 0.65 -10.47 -27.02
C LEU B 146 0.34 -11.94 -26.72
N GLU B 147 0.83 -12.84 -27.59
CA GLU B 147 0.67 -14.28 -27.30
C GLU B 147 1.36 -14.66 -25.98
N HIS B 148 2.60 -14.18 -25.76
CA HIS B 148 3.27 -14.52 -24.49
C HIS B 148 2.50 -13.93 -23.31
N ILE B 149 1.95 -12.73 -23.47
CA ILE B 149 1.13 -12.15 -22.38
C ILE B 149 -0.07 -13.04 -22.08
N ARG B 150 -0.77 -13.46 -23.11
CA ARG B 150 -1.91 -14.33 -22.86
CA ARG B 150 -1.90 -14.36 -22.91
C ARG B 150 -1.46 -15.61 -22.13
N HIS B 151 -0.34 -16.21 -22.57
CA HIS B 151 0.10 -17.44 -21.88
C HIS B 151 0.45 -17.17 -20.43
N PHE B 152 1.06 -16.00 -20.18
CA PHE B 152 1.40 -15.63 -18.81
C PHE B 152 0.12 -15.50 -17.96
N GLU B 153 -0.90 -14.85 -18.50
CA GLU B 153 -2.16 -14.72 -17.77
C GLU B 153 -2.79 -16.09 -17.55
N GLU B 154 -2.69 -16.99 -18.54
CA GLU B 154 -3.25 -18.33 -18.37
C GLU B 154 -2.55 -19.05 -17.23
N LEU B 155 -1.23 -18.90 -17.17
CA LEU B 155 -0.48 -19.48 -16.04
C LEU B 155 -0.97 -18.96 -14.69
N LEU B 156 -1.10 -17.63 -14.57
CA LEU B 156 -1.61 -17.08 -13.30
C LEU B 156 -3.02 -17.54 -12.99
N THR B 157 -3.90 -17.56 -14.01
CA THR B 157 -5.28 -18.03 -13.79
C THR B 157 -5.29 -19.46 -13.22
N ASP B 158 -4.43 -20.32 -13.76
CA ASP B 158 -4.39 -21.73 -13.31
C ASP B 158 -3.83 -21.84 -11.88
N ASN B 159 -3.17 -20.78 -11.40
CA ASN B 159 -2.69 -20.65 -10.02
C ASN B 159 -3.73 -19.97 -9.11
N ALA B 160 -4.97 -19.82 -9.62
CA ALA B 160 -6.08 -19.18 -8.88
C ALA B 160 -5.80 -17.73 -8.59
N THR B 161 -4.99 -17.08 -9.45
CA THR B 161 -4.91 -15.63 -9.49
C THR B 161 -5.98 -15.16 -10.46
N ARG B 162 -6.99 -14.46 -9.94
CA ARG B 162 -8.06 -13.91 -10.78
C ARG B 162 -7.59 -12.60 -11.39
N ILE B 163 -7.55 -12.52 -12.71
CA ILE B 163 -6.97 -11.36 -13.40
C ILE B 163 -8.10 -10.48 -13.91
N VAL B 164 -8.04 -9.19 -13.58
CA VAL B 164 -8.99 -8.17 -14.04
C VAL B 164 -8.14 -7.05 -14.63
N LYS B 165 -8.30 -6.76 -15.93
CA LYS B 165 -7.55 -5.68 -16.58
C LYS B 165 -8.48 -4.50 -16.84
N VAL B 166 -8.07 -3.29 -16.48
CA VAL B 166 -8.98 -2.15 -16.55
C VAL B 166 -8.28 -1.09 -17.39
N TYR B 167 -8.93 -0.69 -18.47
CA TYR B 167 -8.51 0.44 -19.30
C TYR B 167 -9.35 1.65 -18.90
N LEU B 168 -8.73 2.76 -18.49
CA LEU B 168 -9.49 3.92 -18.05
C LEU B 168 -9.68 4.81 -19.27
N HIS B 169 -10.93 5.06 -19.62
CA HIS B 169 -11.28 5.58 -20.95
C HIS B 169 -11.65 7.07 -20.81
N ILE B 170 -10.71 7.96 -21.16
CA ILE B 170 -10.97 9.39 -21.12
C ILE B 170 -10.87 9.99 -22.51
N SER B 171 -11.58 11.06 -22.66
CA SER B 171 -11.57 11.80 -23.95
C SER B 171 -10.32 12.69 -24.03
N PRO B 172 -9.88 13.02 -25.25
CA PRO B 172 -8.77 14.00 -25.39
C PRO B 172 -9.05 15.33 -24.70
N GLU B 173 -10.29 15.84 -24.78
CA GLU B 173 -10.57 17.13 -24.14
C GLU B 173 -10.49 17.03 -22.62
N GLU B 174 -11.00 15.96 -22.05
CA GLU B 174 -10.85 15.80 -20.61
C GLU B 174 -9.36 15.72 -20.23
N GLN B 175 -8.57 14.99 -21.00
CA GLN B 175 -7.13 14.89 -20.70
C GLN B 175 -6.49 16.26 -20.75
N LYS B 176 -6.87 17.06 -21.75
CA LYS B 176 -6.30 18.39 -21.88
C LYS B 176 -6.57 19.24 -20.65
N GLU B 177 -7.82 19.18 -20.15
CA GLU B 177 -8.17 19.97 -18.97
C GLU B 177 -7.38 19.50 -17.77
N ARG B 178 -7.16 18.18 -17.66
CA ARG B 178 -6.43 17.67 -16.50
C ARG B 178 -4.96 18.03 -16.59
N LEU B 179 -4.39 18.01 -17.81
CA LEU B 179 -2.99 18.41 -17.96
C LEU B 179 -2.82 19.90 -17.74
N GLN B 180 -3.80 20.70 -18.19
CA GLN B 180 -3.72 22.14 -17.93
C GLN B 180 -3.72 22.43 -16.44
N ALA B 181 -4.51 21.68 -15.68
CA ALA B 181 -4.55 21.85 -14.24
C ALA B 181 -3.20 21.54 -13.59
N ARG B 182 -2.43 20.59 -14.15
CA ARG B 182 -1.08 20.40 -13.60
C ARG B 182 -0.21 21.63 -13.87
N LEU B 183 -0.32 22.22 -15.07
CA LEU B 183 0.41 23.44 -15.37
C LEU B 183 -0.02 24.59 -14.48
N ASP B 184 -1.32 24.68 -14.20
CA ASP B 184 -1.81 25.85 -13.47
C ASP B 184 -1.45 25.79 -11.98
N ASN B 185 -1.12 24.62 -11.47
CA ASN B 185 -0.92 24.46 -10.04
C ASN B 185 0.57 24.29 -9.76
N PRO B 186 1.23 25.24 -9.09
CA PRO B 186 2.70 25.12 -8.89
C PRO B 186 3.11 23.83 -8.19
N GLY B 187 2.26 23.26 -7.35
CA GLY B 187 2.55 21.99 -6.71
C GLY B 187 2.39 20.79 -7.62
N LYS B 188 2.03 20.98 -8.91
CA LYS B 188 1.90 19.86 -9.83
C LYS B 188 2.84 19.95 -11.02
N HIS B 189 3.60 21.04 -11.14
CA HIS B 189 4.55 21.15 -12.26
C HIS B 189 5.50 19.97 -12.32
N TRP B 190 5.82 19.37 -11.17
CA TRP B 190 6.80 18.29 -11.13
C TRP B 190 6.30 17.04 -11.87
N LYS B 191 4.99 16.86 -12.04
CA LYS B 191 4.54 15.68 -12.76
C LYS B 191 4.00 16.04 -14.14
N PHE B 192 4.37 17.20 -14.65
CA PHE B 192 4.03 17.56 -16.03
C PHE B 192 5.33 17.64 -16.79
N ASN B 193 5.47 16.90 -17.89
CA ASN B 193 6.65 17.03 -18.73
CA ASN B 193 6.64 17.13 -18.69
C ASN B 193 6.17 17.37 -20.12
N PRO B 194 6.58 18.51 -20.69
CA PRO B 194 6.12 18.89 -22.03
C PRO B 194 6.47 17.85 -23.04
N GLY B 195 7.60 17.17 -22.85
CA GLY B 195 7.98 16.12 -23.76
C GLY B 195 6.88 15.09 -23.95
N ASP B 196 6.17 14.76 -22.88
CA ASP B 196 5.09 13.76 -22.99
C ASP B 196 3.92 14.18 -23.88
N LEU B 197 3.74 15.48 -24.23
CA LEU B 197 2.69 15.93 -25.14
C LEU B 197 2.84 15.29 -26.51
N LYS B 198 4.05 14.80 -26.84
CA LYS B 198 4.16 13.97 -28.04
C LYS B 198 3.19 12.78 -28.02
N ASP B 199 2.92 12.23 -26.84
CA ASP B 199 2.01 11.09 -26.77
C ASP B 199 0.59 11.48 -27.17
N ARG B 200 0.17 12.69 -26.76
CA ARG B 200 -1.11 13.25 -27.18
C ARG B 200 -1.18 13.39 -28.68
N SER B 201 -0.12 13.87 -29.32
CA SER B 201 -0.13 13.95 -30.77
CA SER B 201 -0.17 13.95 -30.76
C SER B 201 -0.29 12.58 -31.42
N ASN B 202 0.08 11.52 -30.70
CA ASN B 202 -0.05 10.14 -31.16
C ASN B 202 -1.30 9.48 -30.59
N TRP B 203 -2.32 10.30 -30.27
CA TRP B 203 -3.50 9.74 -29.62
C TRP B 203 -4.08 8.56 -30.42
N ASP B 204 -4.18 8.70 -31.73
CA ASP B 204 -4.79 7.60 -32.49
C ASP B 204 -3.88 6.39 -32.60
N LYS B 205 -2.56 6.58 -32.73
CA LYS B 205 -1.68 5.39 -32.69
C LYS B 205 -1.83 4.67 -31.35
N PHE B 206 -1.95 5.42 -30.25
CA PHE B 206 -2.23 4.77 -28.98
C PHE B 206 -3.60 4.06 -28.95
N ASN B 207 -4.65 4.65 -29.53
CA ASN B 207 -5.92 3.90 -29.64
C ASN B 207 -5.67 2.56 -30.33
N ASP B 208 -4.96 2.59 -31.46
CA ASP B 208 -4.74 1.37 -32.24
C ASP B 208 -4.04 0.28 -31.40
N VAL B 209 -2.98 0.67 -30.71
CA VAL B 209 -2.21 -0.37 -29.97
C VAL B 209 -2.98 -0.79 -28.70
N TYR B 210 -3.75 0.12 -28.10
CA TYR B 210 -4.61 -0.29 -26.98
C TYR B 210 -5.68 -1.26 -27.46
N GLU B 211 -6.26 -1.00 -28.63
CA GLU B 211 -7.28 -1.92 -29.12
C GLU B 211 -6.70 -3.31 -29.38
N ASP B 212 -5.46 -3.41 -29.90
CA ASP B 212 -4.79 -4.71 -30.02
C ASP B 212 -4.58 -5.33 -28.64
N ALA B 213 -4.16 -4.53 -27.67
CA ALA B 213 -3.93 -5.09 -26.33
C ALA B 213 -5.22 -5.65 -25.76
N LEU B 214 -6.35 -4.99 -26.03
CA LEU B 214 -7.62 -5.40 -25.41
C LEU B 214 -8.11 -6.73 -25.98
N THR B 215 -7.51 -7.21 -27.09
CA THR B 215 -7.88 -8.52 -27.64
C THR B 215 -7.38 -9.68 -26.78
N THR B 216 -6.59 -9.42 -25.71
CA THR B 216 -6.31 -10.50 -24.79
C THR B 216 -7.47 -10.72 -23.81
N SER B 217 -8.58 -9.97 -23.96
CA SER B 217 -9.72 -10.12 -23.04
C SER B 217 -10.33 -11.50 -23.22
N THR B 218 -10.40 -12.27 -22.15
CA THR B 218 -11.04 -13.59 -22.20
C THR B 218 -12.03 -13.66 -21.04
N ASP B 219 -12.82 -14.71 -21.03
CA ASP B 219 -13.72 -14.90 -19.89
C ASP B 219 -12.95 -15.04 -18.57
N ASP B 220 -11.78 -15.71 -18.62
CA ASP B 220 -10.97 -15.91 -17.42
C ASP B 220 -10.21 -14.66 -17.05
N ALA B 221 -9.75 -13.90 -18.04
CA ALA B 221 -8.90 -12.73 -17.83
C ALA B 221 -9.46 -11.55 -18.63
N PRO B 222 -10.58 -10.97 -18.18
CA PRO B 222 -11.26 -9.91 -18.95
C PRO B 222 -10.53 -8.58 -18.86
N TRP B 223 -10.60 -7.85 -19.96
CA TRP B 223 -10.48 -6.39 -19.93
C TRP B 223 -11.86 -5.71 -19.71
N TYR B 224 -11.85 -4.57 -18.99
CA TYR B 224 -13.00 -3.66 -18.90
C TYR B 224 -12.54 -2.31 -19.42
N VAL B 225 -13.47 -1.62 -20.09
CA VAL B 225 -13.27 -0.25 -20.58
C VAL B 225 -14.14 0.62 -19.68
N VAL B 226 -13.51 1.41 -18.83
CA VAL B 226 -14.23 2.13 -17.79
C VAL B 226 -14.30 3.60 -18.17
N PRO B 227 -15.48 4.15 -18.44
CA PRO B 227 -15.59 5.59 -18.77
C PRO B 227 -15.10 6.41 -17.59
N ALA B 228 -14.07 7.19 -17.82
CA ALA B 228 -13.35 7.74 -16.67
C ALA B 228 -13.28 9.25 -16.71
N ASP B 229 -14.06 9.90 -17.59
CA ASP B 229 -14.06 11.37 -17.57
C ASP B 229 -14.57 11.90 -16.25
N ARG B 230 -15.53 11.20 -15.64
CA ARG B 230 -16.03 11.57 -14.32
C ARG B 230 -15.28 10.67 -13.36
N LYS B 231 -14.43 11.28 -12.54
CA LYS B 231 -13.57 10.48 -11.66
C LYS B 231 -14.38 9.69 -10.65
N TRP B 232 -15.52 10.24 -10.19
CA TRP B 232 -16.36 9.51 -9.25
C TRP B 232 -16.95 8.30 -9.92
N TYR B 233 -17.23 8.39 -11.23
CA TYR B 233 -17.87 7.26 -11.89
C TYR B 233 -16.85 6.16 -12.14
N ARG B 234 -15.62 6.54 -12.50
CA ARG B 234 -14.53 5.59 -12.55
C ARG B 234 -14.45 4.80 -11.25
N ASP B 235 -14.46 5.50 -10.12
CA ASP B 235 -14.29 4.80 -8.83
C ASP B 235 -15.47 3.84 -8.58
N LEU B 236 -16.68 4.28 -8.92
CA LEU B 236 -17.87 3.47 -8.71
C LEU B 236 -17.81 2.21 -9.56
N VAL B 237 -17.51 2.37 -10.84
CA VAL B 237 -17.47 1.21 -11.71
C VAL B 237 -16.36 0.27 -11.30
N LEU B 238 -15.17 0.80 -11.00
CA LEU B 238 -14.10 -0.08 -10.58
C LEU B 238 -14.48 -0.84 -9.31
N SER B 239 -15.13 -0.17 -8.36
CA SER B 239 -15.54 -0.87 -7.13
C SER B 239 -16.44 -2.06 -7.45
N HIS B 240 -17.37 -1.87 -8.38
CA HIS B 240 -18.28 -2.95 -8.77
C HIS B 240 -17.51 -4.07 -9.46
N ILE B 241 -16.53 -3.72 -10.32
CA ILE B 241 -15.75 -4.77 -11.01
C ILE B 241 -15.04 -5.66 -9.99
N LEU B 242 -14.31 -5.03 -9.08
CA LEU B 242 -13.57 -5.77 -8.07
C LEU B 242 -14.49 -6.55 -7.14
N LEU B 243 -15.60 -5.95 -6.75
CA LEU B 243 -16.51 -6.68 -5.87
C LEU B 243 -17.13 -7.89 -6.57
N GLY B 244 -17.52 -7.74 -7.83
CA GLY B 244 -18.04 -8.87 -8.58
C GLY B 244 -17.00 -9.99 -8.70
N ALA B 245 -15.73 -9.61 -8.91
CA ALA B 245 -14.67 -10.63 -8.98
C ALA B 245 -14.52 -11.34 -7.65
N LEU B 246 -14.50 -10.60 -6.55
CA LEU B 246 -14.30 -11.25 -5.24
C LEU B 246 -15.47 -12.14 -4.88
N LYS B 247 -16.70 -11.70 -5.19
CA LYS B 247 -17.86 -12.51 -4.83
C LYS B 247 -17.87 -13.81 -5.62
N ASP B 248 -17.47 -13.74 -6.88
CA ASP B 248 -17.37 -14.96 -7.68
C ASP B 248 -16.28 -15.88 -7.15
N MET B 249 -15.15 -15.30 -6.74
CA MET B 249 -14.10 -16.11 -6.10
C MET B 249 -14.59 -16.75 -4.82
N ASN B 250 -15.46 -16.07 -4.12
CA ASN B 250 -16.13 -16.61 -2.93
C ASN B 250 -15.17 -17.21 -1.89
N PRO B 251 -14.11 -16.50 -1.51
CA PRO B 251 -13.22 -17.02 -0.46
C PRO B 251 -13.96 -17.23 0.86
N GLN B 252 -13.60 -18.33 1.53
CA GLN B 252 -14.26 -18.77 2.76
C GLN B 252 -13.31 -18.62 3.92
N PHE B 253 -13.82 -18.22 5.09
CA PHE B 253 -12.95 -18.26 6.27
C PHE B 253 -12.50 -19.70 6.52
N PRO B 254 -11.27 -19.90 6.93
CA PRO B 254 -10.75 -21.28 7.03
C PRO B 254 -11.30 -22.02 8.24
N ALA B 255 -11.27 -23.34 8.12
CA ALA B 255 -11.53 -24.17 9.30
C ALA B 255 -10.47 -23.90 10.35
N ILE B 256 -10.86 -23.98 11.61
CA ILE B 256 -9.89 -23.75 12.69
C ILE B 256 -9.64 -25.05 13.47
N ASP B 257 -8.51 -25.09 14.20
CA ASP B 257 -8.10 -26.28 14.95
C ASP B 257 -8.38 -26.19 16.44
N TYR B 258 -9.29 -25.30 16.86
CA TYR B 258 -9.63 -25.17 18.28
C TYR B 258 -11.12 -24.81 18.34
N ASP B 259 -11.71 -24.95 19.54
CA ASP B 259 -13.09 -24.55 19.81
C ASP B 259 -13.11 -23.20 20.51
N PRO B 260 -13.62 -22.13 19.89
CA PRO B 260 -13.52 -20.80 20.51
C PRO B 260 -14.21 -20.67 21.84
N SER B 261 -15.33 -21.36 22.03
CA SER B 261 -16.06 -21.27 23.29
C SER B 261 -15.35 -21.97 24.43
N LYS B 262 -14.32 -22.77 24.14
CA LYS B 262 -13.57 -23.43 25.20
C LYS B 262 -12.27 -22.71 25.55
N VAL B 263 -11.84 -21.74 24.74
CA VAL B 263 -10.63 -21.01 25.06
C VAL B 263 -10.89 -20.11 26.27
N VAL B 264 -10.01 -20.15 27.25
CA VAL B 264 -10.08 -19.27 28.40
C VAL B 264 -8.86 -18.35 28.38
N ILE B 265 -9.07 -17.10 28.02
CA ILE B 265 -7.98 -16.13 28.08
C ILE B 265 -7.72 -15.71 29.54
N HIS B 266 -6.48 -15.86 29.98
CA HIS B 266 -6.11 -15.31 31.27
C HIS B 266 -5.29 -14.04 31.02
PG ATP C . 1.88 -9.78 16.48
O1G ATP C . 3.13 -8.92 16.32
O2G ATP C . 1.97 -10.74 17.68
O3G ATP C . 0.61 -8.97 16.45
PB ATP C . 0.50 -11.64 14.75
O1B ATP C . 0.66 -13.00 15.33
O2B ATP C . -0.77 -10.91 14.91
O3B ATP C . 1.71 -10.69 15.19
PA ATP C . 1.17 -12.98 12.32
O1A ATP C . 1.35 -12.44 10.92
O2A ATP C . 0.13 -14.05 12.55
O3A ATP C . 0.74 -11.72 13.19
O5' ATP C . 2.45 -13.53 13.01
C5' ATP C . 3.75 -12.96 12.62
C4' ATP C . 4.62 -13.59 13.66
O4' ATP C . 6.01 -13.57 13.16
C3' ATP C . 4.53 -12.77 14.96
O3' ATP C . 4.31 -13.66 16.05
C2' ATP C . 5.98 -12.32 15.13
O2' ATP C . 6.42 -12.24 16.49
C1' ATP C . 6.75 -13.40 14.37
N9 ATP C . 8.11 -12.90 14.01
C8 ATP C . 8.36 -11.83 13.27
N7 ATP C . 9.72 -11.60 13.18
C5 ATP C . 10.31 -12.62 13.87
C6 ATP C . 11.69 -12.98 14.21
N6 ATP C . 12.74 -12.24 13.73
N1 ATP C . 11.85 -14.11 14.95
C2 ATP C . 10.84 -14.86 15.42
N3 ATP C . 9.56 -14.54 15.20
C4 ATP C . 9.25 -13.46 14.41
MG MG D . 0.09 -14.32 16.68
PG ATP E . -1.97 -5.84 15.89
O1G ATP E . -0.93 -4.93 16.53
O2G ATP E . -3.37 -5.22 16.05
O3G ATP E . -1.90 -7.29 16.32
PB ATP E . -1.33 -7.00 13.34
O1B ATP E . -0.60 -8.09 14.02
O2B ATP E . -0.76 -6.28 12.17
O3B ATP E . -1.76 -5.80 14.27
PA ATP E . -3.65 -8.76 13.41
O1A ATP E . -3.06 -9.31 14.65
O2A ATP E . -5.08 -8.25 13.42
O3A ATP E . -2.72 -7.62 12.81
O5' ATP E . -3.61 -9.77 12.13
C5' ATP E . -2.70 -10.86 12.16
C4' ATP E . -1.97 -10.93 10.84
O4' ATP E . -2.79 -10.94 9.65
C3' ATP E . -1.07 -9.76 10.67
O3' ATP E . 0.09 -10.41 10.07
C2' ATP E . -1.78 -8.90 9.67
O2' ATP E . -0.86 -8.32 8.78
C1' ATP E . -2.53 -9.87 8.80
N9 ATP E . -3.88 -9.35 8.50
C8 ATP E . -4.86 -9.08 9.38
N7 ATP E . -5.96 -8.64 8.75
C5 ATP E . -5.69 -8.61 7.43
C6 ATP E . -6.46 -8.22 6.25
N6 ATP E . -7.72 -7.78 6.39
N1 ATP E . -5.81 -8.34 5.08
C2 ATP E . -4.55 -8.79 4.98
N3 ATP E . -3.76 -9.16 6.04
C4 ATP E . -4.33 -9.10 7.26
MG MG F . -1.27 -9.05 15.67
C1 GOL G . 21.74 0.55 21.47
O1 GOL G . 21.98 1.92 21.65
C2 GOL G . 22.93 -0.34 21.86
O2 GOL G . 24.18 0.13 21.37
C3 GOL G . 22.96 -0.49 23.36
O3 GOL G . 23.47 -1.77 23.65
C1 GOL H . 4.52 1.31 -4.08
O1 GOL H . 5.50 0.72 -3.24
C2 GOL H . 5.11 1.60 -5.45
O2 GOL H . 4.12 2.16 -6.32
C3 GOL H . 5.83 0.35 -5.98
O3 GOL H . 6.16 0.37 -7.37
C1 GOL I . 20.20 -5.37 28.37
O1 GOL I . 20.30 -6.80 28.12
C2 GOL I . 20.30 -4.69 27.01
O2 GOL I . 20.06 -3.30 27.21
C3 GOL I . 21.66 -4.91 26.31
O3 GOL I . 22.68 -4.38 27.14
C1 GOL J . -0.57 14.67 27.08
O1 GOL J . -0.79 15.78 26.23
C2 GOL J . 0.93 14.48 27.18
O2 GOL J . 1.40 14.41 25.85
C3 GOL J . 1.29 13.21 27.97
O3 GOL J . 0.90 13.24 29.32
C1 MPD K . -13.07 2.85 22.55
C2 MPD K . -13.17 4.31 22.23
O2 MPD K . -12.91 5.06 23.41
CM MPD K . -14.58 4.63 21.77
C3 MPD K . -12.16 4.70 21.18
C4 MPD K . -11.76 3.63 20.18
O4 MPD K . -11.16 4.36 19.14
C5 MPD K . -10.77 2.70 20.86
PG ATP L . 1.41 7.42 -17.59
O1G ATP L . 1.23 5.90 -17.65
O2G ATP L . 0.31 8.04 -16.81
O3G ATP L . 1.66 8.08 -18.96
PB ATP L . 3.43 8.83 -16.11
O1B ATP L . 4.35 9.45 -17.11
O2B ATP L . 2.36 9.69 -15.51
O3B ATP L . 2.77 7.49 -16.75
PA ATP L . 5.86 8.13 -14.73
O1A ATP L . 5.97 7.39 -13.43
O2A ATP L . 6.36 9.53 -14.80
O3A ATP L . 4.27 8.10 -14.93
O5' ATP L . 6.50 7.48 -15.99
C5' ATP L . 6.37 6.04 -16.08
C4' ATP L . 6.71 5.80 -17.53
O4' ATP L . 7.28 4.48 -17.68
C3' ATP L . 5.45 5.84 -18.37
O3' ATP L . 5.70 6.79 -19.42
C2' ATP L . 5.46 4.47 -19.01
O2' ATP L . 4.94 4.50 -20.31
C1' ATP L . 6.92 4.05 -18.96
N9 ATP L . 7.01 2.59 -19.07
C8 ATP L . 6.45 1.69 -18.22
N7 ATP L . 6.73 0.46 -18.72
C5 ATP L . 7.46 0.57 -19.86
C6 ATP L . 8.09 -0.35 -20.84
N6 ATP L . 7.93 -1.71 -20.70
N1 ATP L . 8.76 0.21 -21.87
C2 ATP L . 8.88 1.55 -22.03
N3 ATP L . 8.36 2.43 -21.15
C4 ATP L . 7.64 2.00 -20.08
MG MG M . 4.74 10.88 -18.34
PG ATP N . -2.78 8.88 -14.26
O1G ATP N . -1.69 9.52 -15.12
O2G ATP N . -3.76 9.85 -13.63
O3G ATP N . -3.49 7.78 -14.99
PB ATP N . -0.47 7.98 -12.67
O1B ATP N . -0.35 6.81 -11.70
O2B ATP N . 0.32 7.99 -13.96
O3B ATP N . -2.04 8.22 -12.95
PA ATP N . 0.43 10.73 -12.23
O1A ATP N . 0.57 10.91 -13.71
O2A ATP N . -0.33 11.72 -11.47
O3A ATP N . -0.16 9.30 -11.75
O5' ATP N . 1.88 10.73 -11.52
C5' ATP N . 3.09 10.56 -12.28
C4' ATP N . 3.93 9.50 -11.54
O4' ATP N . 4.22 9.92 -10.21
C3' ATP N . 3.22 8.18 -11.43
O3' ATP N . 4.31 7.27 -11.61
C2' ATP N . 2.73 8.15 -10.01
O2' ATP N . 2.79 6.88 -9.45
C1' ATP N . 3.79 8.98 -9.25
N9 ATP N . 3.14 9.79 -8.21
C8 ATP N . 2.27 10.81 -8.47
N7 ATP N . 1.86 11.39 -7.32
C5 ATP N . 2.48 10.73 -6.31
C6 ATP N . 2.46 10.86 -4.82
N6 ATP N . 1.70 11.81 -4.22
N1 ATP N . 3.21 10.00 -4.17
C2 ATP N . 3.99 9.04 -4.76
N3 ATP N . 4.08 8.86 -6.12
C4 ATP N . 3.30 9.67 -6.89
MG MG O . 0.33 9.53 -15.34
C1 GOL P . 9.62 -3.08 -10.34
O1 GOL P . 9.62 -2.59 -9.03
C2 GOL P . 10.20 -2.01 -11.26
O2 GOL P . 10.45 -2.66 -12.48
C3 GOL P . 9.23 -0.82 -11.49
O3 GOL P . 9.45 -0.09 -12.72
CL CL Q . 8.74 -11.99 -27.69
C1 MPD R . -14.79 14.22 -12.14
C2 MPD R . -15.24 14.49 -10.71
O2 MPD R . -14.25 15.38 -10.16
CM MPD R . -15.33 13.36 -9.70
C3 MPD R . -16.61 15.19 -10.68
C4 MPD R . -16.86 16.18 -11.79
O4 MPD R . -17.54 15.55 -12.86
C5 MPD R . -17.72 17.25 -11.16
#